data_6SE1
#
_entry.id   6SE1
#
_cell.length_a   55.740
_cell.length_b   58.430
_cell.length_c   90.030
_cell.angle_alpha   90.000
_cell.angle_beta   90.000
_cell.angle_gamma   90.000
#
_symmetry.space_group_name_H-M   'P 21 21 21'
#
loop_
_entity.id
_entity.type
_entity.pdbx_description
1 polymer 'Putative lipopolysaccharide modification acyltransferase'
2 non-polymer 'SULFATE ION'
3 non-polymer DI(HYDROXYETHYL)ETHER
4 water water
#
_entity_poly.entity_id   1
_entity_poly.type   'polypeptide(L)'
_entity_poly.pdbx_seq_one_letter_code
;GEYASVTDVYNYYKYGELLRGGICHSVQLTAAISNGCIKNGKHNIFIIGDSYAAALFNGLSHYIDNKGSDYIISQMTDGN
APPLFVDGKDDLQRSVITLNNNRINEIKRVQPEVVLLTWSVRGTNGVHDKKLAIDALSLTIKKIKEASPDSRIIFIGPVP
EWNANLVKIISNYLSEFKKTPPLYMTYGLNSEISEWDSYFSNNVPKMGIEYISAYKALCNESGCLTRVGNGPDFITAVDW
GHLTKPGSDFLFNKIGNKIIK
;
_entity_poly.pdbx_strand_id   A
#
loop_
_chem_comp.id
_chem_comp.type
_chem_comp.name
_chem_comp.formula
PEG non-polymer DI(HYDROXYETHYL)ETHER 'C4 H10 O3'
SO4 non-polymer 'SULFATE ION' 'O4 S -2'
#
# COMPACT_ATOMS: atom_id res chain seq x y z
N GLY A 1 25.92 -1.55 14.22
CA GLY A 1 26.58 -0.73 13.18
C GLY A 1 25.64 0.28 12.55
N GLU A 2 25.56 0.29 11.23
CA GLU A 2 24.68 1.22 10.46
C GLU A 2 23.21 0.94 10.81
N TYR A 3 22.80 -0.31 10.98
CA TYR A 3 21.38 -0.64 11.28
C TYR A 3 21.01 -0.08 12.66
N ALA A 4 21.88 -0.25 13.67
CA ALA A 4 21.60 0.18 15.06
C ALA A 4 21.49 1.72 15.17
N SER A 5 22.12 2.46 14.25
CA SER A 5 22.13 3.95 14.28
CA SER A 5 22.14 3.95 14.28
C SER A 5 20.81 4.56 13.79
N VAL A 6 19.94 3.78 13.13
CA VAL A 6 18.64 4.33 12.65
C VAL A 6 17.61 4.21 13.77
N THR A 7 17.43 5.27 14.54
CA THR A 7 16.53 5.26 15.74
C THR A 7 15.27 6.10 15.49
N ASP A 8 15.26 6.99 14.48
CA ASP A 8 14.08 7.82 14.10
C ASP A 8 13.75 7.46 12.64
N VAL A 9 12.96 6.39 12.42
CA VAL A 9 12.76 5.86 11.06
C VAL A 9 12.03 6.88 10.17
N TYR A 10 11.07 7.64 10.70
CA TYR A 10 10.26 8.54 9.84
C TYR A 10 11.16 9.68 9.33
N ASN A 11 12.04 10.21 10.17
CA ASN A 11 13.01 11.25 9.73
C ASN A 11 14.04 10.61 8.78
N TYR A 12 14.61 9.46 9.12
CA TYR A 12 15.68 8.84 8.31
C TYR A 12 15.20 8.58 6.87
N TYR A 13 14.04 7.97 6.73
CA TYR A 13 13.49 7.55 5.41
C TYR A 13 12.70 8.69 4.73
N LYS A 14 12.66 9.90 5.28
CA LYS A 14 11.94 11.06 4.66
C LYS A 14 10.49 10.62 4.33
N TYR A 15 9.77 10.14 5.35
CA TYR A 15 8.47 9.44 5.19
C TYR A 15 7.41 10.34 4.55
N GLY A 16 7.39 11.63 4.86
CA GLY A 16 6.47 12.56 4.16
C GLY A 16 6.73 12.59 2.65
N GLU A 17 7.98 12.81 2.26
CA GLU A 17 8.35 12.81 0.81
C GLU A 17 7.99 11.45 0.19
N LEU A 18 8.24 10.35 0.91
CA LEU A 18 8.00 9.00 0.33
CA LEU A 18 7.97 8.98 0.42
C LEU A 18 6.53 8.88 -0.11
N LEU A 19 5.58 9.40 0.66
CA LEU A 19 4.13 9.22 0.40
C LEU A 19 3.52 10.37 -0.43
N ARG A 20 4.31 11.39 -0.75
CA ARG A 20 3.82 12.69 -1.33
C ARG A 20 2.90 13.39 -0.32
N GLY A 21 3.28 13.32 0.97
CA GLY A 21 2.62 14.10 2.04
C GLY A 21 2.63 15.60 1.76
N GLY A 22 1.52 16.26 2.07
CA GLY A 22 1.36 17.71 1.86
C GLY A 22 1.08 18.08 0.41
N ILE A 23 1.08 17.11 -0.51
CA ILE A 23 0.88 17.33 -1.98
C ILE A 23 -0.39 16.57 -2.42
N CYS A 24 -0.36 15.24 -2.33
CA CYS A 24 -1.51 14.36 -2.68
C CYS A 24 -1.99 13.51 -1.50
N HIS A 25 -1.15 13.35 -0.46
CA HIS A 25 -1.44 12.47 0.71
C HIS A 25 -1.81 13.37 1.91
N SER A 26 -2.97 13.14 2.50
CA SER A 26 -3.46 13.89 3.69
C SER A 26 -3.56 15.40 3.37
N VAL A 27 -4.25 15.76 2.26
CA VAL A 27 -4.48 17.17 1.87
C VAL A 27 -5.98 17.45 1.73
N GLN A 28 -6.34 18.74 1.76
CA GLN A 28 -7.72 19.21 1.45
C GLN A 28 -7.99 19.02 -0.05
N LEU A 29 -9.26 18.83 -0.41
CA LEU A 29 -9.67 18.54 -1.81
C LEU A 29 -9.23 19.65 -2.77
N THR A 30 -9.38 20.94 -2.42
CA THR A 30 -8.99 22.02 -3.36
C THR A 30 -7.48 22.00 -3.62
N ALA A 31 -6.67 21.58 -2.63
CA ALA A 31 -5.20 21.44 -2.80
C ALA A 31 -4.90 20.23 -3.70
N ALA A 32 -5.55 19.08 -3.46
CA ALA A 32 -5.36 17.87 -4.28
C ALA A 32 -5.59 18.20 -5.77
N ILE A 33 -6.68 18.90 -6.07
CA ILE A 33 -7.02 19.19 -7.49
CA ILE A 33 -7.06 19.25 -7.47
C ILE A 33 -6.00 20.19 -8.06
N SER A 34 -5.70 21.28 -7.34
CA SER A 34 -4.75 22.33 -7.81
C SER A 34 -3.34 21.73 -8.03
N ASN A 35 -2.94 20.77 -7.19
CA ASN A 35 -1.59 20.15 -7.27
C ASN A 35 -1.49 19.12 -8.41
N GLY A 36 -2.58 18.82 -9.12
CA GLY A 36 -2.53 17.85 -10.25
C GLY A 36 -2.58 16.40 -9.82
N CYS A 37 -3.16 16.10 -8.66
CA CYS A 37 -3.24 14.73 -8.10
C CYS A 37 -4.31 13.88 -8.80
N ILE A 38 -5.28 14.51 -9.47
CA ILE A 38 -6.38 13.80 -10.18
C ILE A 38 -6.23 14.07 -11.67
N LYS A 39 -5.71 13.08 -12.41
CA LYS A 39 -5.51 13.22 -13.87
C LYS A 39 -6.83 12.95 -14.60
N ASN A 40 -6.99 13.49 -15.80
CA ASN A 40 -8.20 13.20 -16.61
C ASN A 40 -7.85 12.52 -17.94
N GLY A 41 -6.57 12.22 -18.23
CA GLY A 41 -6.19 11.56 -19.49
C GLY A 41 -6.56 10.08 -19.60
N LYS A 42 -6.32 9.50 -20.79
CA LYS A 42 -6.36 8.03 -21.06
C LYS A 42 -5.25 7.33 -20.24
N HIS A 43 -5.37 6.02 -20.08
CA HIS A 43 -4.35 5.17 -19.40
C HIS A 43 -4.05 5.70 -17.98
N ASN A 44 -5.10 6.09 -17.26
CA ASN A 44 -5.03 6.62 -15.88
C ASN A 44 -5.19 5.49 -14.86
N ILE A 45 -4.19 5.33 -13.97
CA ILE A 45 -4.22 4.40 -12.80
C ILE A 45 -4.47 5.25 -11.55
N PHE A 46 -5.63 5.08 -10.93
CA PHE A 46 -6.15 5.95 -9.84
C PHE A 46 -5.98 5.21 -8.50
N ILE A 47 -4.99 5.62 -7.70
CA ILE A 47 -4.71 5.00 -6.38
C ILE A 47 -5.61 5.59 -5.30
N ILE A 48 -6.29 4.73 -4.52
CA ILE A 48 -7.07 5.17 -3.32
C ILE A 48 -6.73 4.30 -2.11
N GLY A 49 -6.79 4.90 -0.92
CA GLY A 49 -6.67 4.20 0.37
C GLY A 49 -5.85 4.99 1.38
N ASP A 50 -5.22 4.25 2.31
CA ASP A 50 -4.50 4.86 3.45
C ASP A 50 -3.00 4.98 3.12
N SER A 51 -2.10 5.06 4.10
CA SER A 51 -0.66 5.20 3.82
CA SER A 51 -0.65 5.20 3.82
C SER A 51 -0.09 3.94 3.15
N TYR A 52 -0.71 2.76 3.31
CA TYR A 52 -0.28 1.55 2.55
C TYR A 52 -0.54 1.76 1.05
N ALA A 53 -1.63 2.45 0.68
CA ALA A 53 -1.89 2.78 -0.74
C ALA A 53 -0.91 3.86 -1.23
N ALA A 54 -0.65 4.89 -0.42
CA ALA A 54 0.32 5.93 -0.79
C ALA A 54 1.70 5.30 -1.07
N ALA A 55 2.09 4.28 -0.28
CA ALA A 55 3.42 3.62 -0.41
C ALA A 55 3.59 2.89 -1.76
N LEU A 56 2.49 2.65 -2.49
CA LEU A 56 2.54 2.02 -3.84
C LEU A 56 3.07 3.02 -4.90
N PHE A 57 2.90 4.32 -4.69
CA PHE A 57 3.21 5.33 -5.73
C PHE A 57 4.66 5.15 -6.24
N ASN A 58 5.64 5.05 -5.35
CA ASN A 58 7.06 5.05 -5.79
C ASN A 58 7.32 3.90 -6.78
N GLY A 59 6.90 2.68 -6.44
CA GLY A 59 7.16 1.50 -7.28
C GLY A 59 6.44 1.58 -8.61
N LEU A 60 5.19 2.05 -8.61
CA LEU A 60 4.42 2.16 -9.87
C LEU A 60 5.06 3.20 -10.81
N SER A 61 5.44 4.36 -10.26
CA SER A 61 6.15 5.45 -10.98
CA SER A 61 6.10 5.42 -11.06
C SER A 61 7.44 4.90 -11.61
N HIS A 62 8.21 4.16 -10.81
CA HIS A 62 9.50 3.56 -11.27
C HIS A 62 9.25 2.57 -12.42
N TYR A 63 8.24 1.73 -12.29
CA TYR A 63 7.89 0.70 -13.32
C TYR A 63 7.55 1.41 -14.64
N ILE A 64 6.67 2.40 -14.58
CA ILE A 64 6.24 3.18 -15.79
C ILE A 64 7.46 3.85 -16.45
N ASP A 65 8.31 4.51 -15.65
CA ASP A 65 9.50 5.24 -16.18
C ASP A 65 10.46 4.24 -16.85
N ASN A 66 10.74 3.10 -16.20
CA ASN A 66 11.69 2.08 -16.71
C ASN A 66 11.19 1.48 -18.03
N LYS A 67 9.88 1.28 -18.16
CA LYS A 67 9.27 0.62 -19.37
C LYS A 67 9.07 1.65 -20.49
N GLY A 68 9.17 2.95 -20.22
CA GLY A 68 8.81 4.00 -21.20
C GLY A 68 7.32 3.98 -21.52
N SER A 69 6.50 3.62 -20.54
CA SER A 69 5.03 3.47 -20.70
C SER A 69 4.36 4.84 -20.77
N ASP A 70 3.21 4.92 -21.48
CA ASP A 70 2.38 6.16 -21.54
C ASP A 70 1.32 6.19 -20.43
N TYR A 71 1.32 5.26 -19.49
CA TYR A 71 0.34 5.27 -18.37
C TYR A 71 0.67 6.43 -17.41
N ILE A 72 -0.37 6.98 -16.79
CA ILE A 72 -0.28 8.12 -15.83
C ILE A 72 -0.91 7.70 -14.49
N ILE A 73 -0.63 8.47 -13.43
CA ILE A 73 -1.00 8.09 -12.04
C ILE A 73 -1.76 9.22 -11.35
N SER A 74 -2.96 8.90 -10.85
CA SER A 74 -3.74 9.76 -9.92
C SER A 74 -3.62 9.20 -8.49
N GLN A 75 -3.74 10.05 -7.47
CA GLN A 75 -3.60 9.59 -6.06
C GLN A 75 -4.53 10.38 -5.16
N MET A 76 -5.40 9.66 -4.43
CA MET A 76 -6.23 10.24 -3.34
C MET A 76 -6.10 9.32 -2.13
N THR A 77 -5.13 9.62 -1.25
CA THR A 77 -4.80 8.79 -0.08
C THR A 77 -4.69 9.67 1.16
N ASP A 78 -4.90 9.09 2.34
CA ASP A 78 -4.82 9.83 3.62
C ASP A 78 -4.49 8.84 4.73
N GLY A 79 -3.57 9.20 5.64
CA GLY A 79 -3.23 8.33 6.77
C GLY A 79 -4.45 8.00 7.60
N ASN A 80 -4.59 6.73 7.97
CA ASN A 80 -5.72 6.21 8.79
C ASN A 80 -7.07 6.39 8.06
N ALA A 81 -7.07 6.38 6.72
CA ALA A 81 -8.32 6.42 5.93
C ALA A 81 -8.32 5.35 4.84
N PRO A 82 -8.57 4.07 5.22
CA PRO A 82 -8.76 3.00 4.23
C PRO A 82 -9.86 3.32 3.23
N PRO A 83 -9.93 2.62 2.07
CA PRO A 83 -11.02 2.80 1.11
C PRO A 83 -12.26 1.97 1.54
N LEU A 84 -12.65 2.12 2.80
CA LEU A 84 -13.80 1.43 3.46
C LEU A 84 -14.64 2.51 4.15
N PHE A 85 -15.96 2.37 4.07
CA PHE A 85 -16.92 3.33 4.64
C PHE A 85 -17.19 2.95 6.11
N VAL A 86 -16.20 3.27 6.96
CA VAL A 86 -16.17 3.04 8.44
CA VAL A 86 -16.28 3.05 8.42
C VAL A 86 -16.26 4.41 9.11
N ASP A 87 -17.05 4.54 10.17
CA ASP A 87 -17.22 5.85 10.86
C ASP A 87 -16.04 6.08 11.83
N GLY A 88 -14.88 6.41 11.27
CA GLY A 88 -13.69 6.82 12.03
C GLY A 88 -13.12 8.13 11.51
N LYS A 89 -11.98 8.53 12.08
CA LYS A 89 -11.30 9.80 11.75
C LYS A 89 -9.90 9.51 11.19
N ASP A 90 -9.47 10.33 10.25
CA ASP A 90 -8.10 10.23 9.68
C ASP A 90 -7.12 10.97 10.60
N ASP A 91 -5.86 11.05 10.20
CA ASP A 91 -4.80 11.67 11.04
C ASP A 91 -5.07 13.16 11.30
N LEU A 92 -5.87 13.82 10.45
CA LEU A 92 -6.25 15.26 10.59
C LEU A 92 -7.64 15.42 11.23
N GLN A 93 -8.19 14.34 11.80
CA GLN A 93 -9.48 14.33 12.53
C GLN A 93 -10.66 14.59 11.58
N ARG A 94 -10.51 14.31 10.28
CA ARG A 94 -11.61 14.39 9.29
C ARG A 94 -12.36 13.05 9.24
N SER A 95 -13.61 13.07 8.77
CA SER A 95 -14.46 11.87 8.61
C SER A 95 -13.94 10.97 7.47
N VAL A 96 -13.63 9.71 7.77
CA VAL A 96 -13.22 8.70 6.75
C VAL A 96 -14.37 8.48 5.75
N ILE A 97 -15.63 8.53 6.20
CA ILE A 97 -16.77 8.41 5.27
CA ILE A 97 -16.82 8.45 5.31
C ILE A 97 -16.78 9.60 4.29
N THR A 98 -16.64 10.84 4.77
CA THR A 98 -16.59 12.01 3.87
C THR A 98 -15.43 11.87 2.87
N LEU A 99 -14.25 11.47 3.34
CA LEU A 99 -13.08 11.33 2.42
C LEU A 99 -13.39 10.31 1.31
N ASN A 100 -14.01 9.19 1.65
CA ASN A 100 -14.35 8.17 0.62
C ASN A 100 -15.48 8.67 -0.30
N ASN A 101 -16.44 9.46 0.18
CA ASN A 101 -17.46 10.07 -0.73
C ASN A 101 -16.72 10.94 -1.77
N ASN A 102 -15.71 11.71 -1.34
CA ASN A 102 -14.98 12.62 -2.28
C ASN A 102 -14.16 11.77 -3.28
N ARG A 103 -13.56 10.65 -2.85
CA ARG A 103 -12.79 9.76 -3.77
C ARG A 103 -13.73 9.20 -4.86
N ILE A 104 -14.91 8.69 -4.47
CA ILE A 104 -15.90 8.17 -5.46
C ILE A 104 -16.29 9.29 -6.44
N ASN A 105 -16.50 10.51 -5.96
CA ASN A 105 -16.93 11.62 -6.84
C ASN A 105 -15.84 11.94 -7.88
N GLU A 106 -14.57 11.90 -7.50
CA GLU A 106 -13.46 12.19 -8.47
C GLU A 106 -13.30 11.03 -9.47
N ILE A 107 -13.45 9.78 -9.03
CA ILE A 107 -13.46 8.60 -9.94
C ILE A 107 -14.60 8.77 -10.96
N LYS A 108 -15.77 9.20 -10.51
CA LYS A 108 -16.92 9.45 -11.42
C LYS A 108 -16.53 10.52 -12.45
N ARG A 109 -15.89 11.60 -12.01
CA ARG A 109 -15.54 12.75 -12.90
CA ARG A 109 -15.54 12.75 -12.90
C ARG A 109 -14.60 12.29 -14.02
N VAL A 110 -13.57 11.48 -13.72
CA VAL A 110 -12.46 11.25 -14.70
C VAL A 110 -12.52 9.86 -15.35
N GLN A 111 -13.35 8.92 -14.89
CA GLN A 111 -13.56 7.60 -15.57
C GLN A 111 -12.21 6.91 -15.82
N PRO A 112 -11.40 6.63 -14.77
CA PRO A 112 -10.06 6.10 -14.99
C PRO A 112 -10.04 4.66 -15.55
N GLU A 113 -9.02 4.31 -16.31
CA GLU A 113 -8.86 2.94 -16.85
C GLU A 113 -8.76 1.92 -15.70
N VAL A 114 -8.01 2.25 -14.64
CA VAL A 114 -7.76 1.34 -13.49
C VAL A 114 -8.00 2.11 -12.18
N VAL A 115 -8.66 1.48 -11.22
CA VAL A 115 -8.67 1.92 -9.80
C VAL A 115 -7.85 0.90 -9.01
N LEU A 116 -6.80 1.36 -8.34
CA LEU A 116 -5.85 0.52 -7.58
C LEU A 116 -6.04 0.83 -6.09
N LEU A 117 -6.34 -0.17 -5.26
CA LEU A 117 -6.64 0.08 -3.83
C LEU A 117 -5.92 -0.92 -2.92
N THR A 118 -5.66 -0.49 -1.69
CA THR A 118 -5.17 -1.35 -0.59
C THR A 118 -5.38 -0.59 0.73
N TRP A 119 -5.12 -1.27 1.85
CA TRP A 119 -5.15 -0.65 3.19
C TRP A 119 -4.36 -1.51 4.18
N SER A 120 -4.16 -0.94 5.35
CA SER A 120 -3.55 -1.57 6.55
C SER A 120 -4.60 -2.47 7.23
N VAL A 121 -4.52 -3.78 7.06
CA VAL A 121 -5.65 -4.67 7.51
C VAL A 121 -5.79 -4.64 9.03
N ARG A 122 -4.72 -4.39 9.79
CA ARG A 122 -4.77 -4.34 11.28
C ARG A 122 -4.85 -2.89 11.77
N GLY A 123 -5.03 -1.90 10.90
CA GLY A 123 -5.05 -0.48 11.29
C GLY A 123 -6.28 -0.09 12.11
N THR A 124 -6.23 1.08 12.71
CA THR A 124 -7.30 1.62 13.62
C THR A 124 -8.69 1.56 12.96
N ASN A 125 -8.80 2.00 11.71
CA ASN A 125 -10.10 2.13 11.01
C ASN A 125 -10.30 1.00 9.99
N GLY A 126 -9.50 -0.06 10.08
CA GLY A 126 -9.77 -1.31 9.36
C GLY A 126 -10.94 -2.05 9.97
N VAL A 127 -11.26 -3.19 9.38
CA VAL A 127 -12.35 -4.11 9.83
C VAL A 127 -11.66 -5.45 10.19
N HIS A 128 -11.68 -5.83 11.47
CA HIS A 128 -10.88 -6.95 12.05
CA HIS A 128 -10.82 -6.94 11.96
C HIS A 128 -11.45 -8.31 11.67
N ASP A 129 -12.78 -8.42 11.60
CA ASP A 129 -13.43 -9.71 11.25
C ASP A 129 -13.29 -9.88 9.72
N LYS A 130 -12.68 -10.97 9.25
CA LYS A 130 -12.33 -11.12 7.81
C LYS A 130 -13.61 -11.14 6.94
N LYS A 131 -14.69 -11.80 7.37
CA LYS A 131 -15.95 -11.84 6.59
C LYS A 131 -16.58 -10.45 6.53
N LEU A 132 -16.64 -9.73 7.67
CA LEU A 132 -17.17 -8.35 7.67
C LEU A 132 -16.28 -7.43 6.82
N ALA A 133 -14.97 -7.68 6.75
CA ALA A 133 -14.04 -6.88 5.90
C ALA A 133 -14.39 -7.06 4.41
N ILE A 134 -14.64 -8.29 3.95
CA ILE A 134 -15.10 -8.56 2.56
C ILE A 134 -16.43 -7.82 2.31
N ASP A 135 -17.38 -7.87 3.24
CA ASP A 135 -18.67 -7.15 3.07
C ASP A 135 -18.40 -5.64 2.91
N ALA A 136 -17.52 -5.07 3.73
CA ALA A 136 -17.20 -3.63 3.65
C ALA A 136 -16.56 -3.31 2.28
N LEU A 137 -15.64 -4.16 1.82
CA LEU A 137 -15.00 -3.93 0.49
C LEU A 137 -16.07 -4.02 -0.62
N SER A 138 -17.06 -4.92 -0.48
CA SER A 138 -18.12 -5.08 -1.50
CA SER A 138 -18.14 -5.08 -1.49
C SER A 138 -18.90 -3.76 -1.67
N LEU A 139 -19.12 -3.01 -0.58
CA LEU A 139 -19.83 -1.70 -0.65
C LEU A 139 -18.99 -0.72 -1.50
N THR A 140 -17.68 -0.64 -1.26
CA THR A 140 -16.79 0.25 -2.06
C THR A 140 -16.80 -0.17 -3.53
N ILE A 141 -16.68 -1.46 -3.80
CA ILE A 141 -16.67 -1.99 -5.20
C ILE A 141 -17.96 -1.56 -5.92
N LYS A 142 -19.12 -1.73 -5.30
CA LYS A 142 -20.41 -1.40 -5.95
C LYS A 142 -20.45 0.11 -6.28
N LYS A 143 -19.93 0.96 -5.39
CA LYS A 143 -19.92 2.43 -5.63
C LYS A 143 -18.99 2.75 -6.82
N ILE A 144 -17.82 2.11 -6.89
CA ILE A 144 -16.89 2.36 -8.03
C ILE A 144 -17.56 1.92 -9.35
N LYS A 145 -18.17 0.74 -9.37
CA LYS A 145 -18.78 0.20 -10.61
C LYS A 145 -19.94 1.11 -11.08
N GLU A 146 -20.72 1.63 -10.14
CA GLU A 146 -21.85 2.55 -10.50
C GLU A 146 -21.29 3.85 -11.10
N ALA A 147 -20.22 4.39 -10.51
CA ALA A 147 -19.62 5.69 -10.88
C ALA A 147 -18.90 5.60 -12.23
N SER A 148 -18.21 4.49 -12.48
CA SER A 148 -17.27 4.34 -13.62
C SER A 148 -17.31 2.89 -14.10
N PRO A 149 -18.36 2.51 -14.86
CA PRO A 149 -18.62 1.11 -15.20
C PRO A 149 -17.52 0.37 -16.00
N ASP A 150 -16.64 1.09 -16.69
CA ASP A 150 -15.58 0.45 -17.51
C ASP A 150 -14.24 0.37 -16.76
N SER A 151 -14.14 0.91 -15.55
CA SER A 151 -12.86 0.86 -14.78
C SER A 151 -12.55 -0.60 -14.41
N ARG A 152 -11.30 -1.03 -14.57
CA ARG A 152 -10.78 -2.27 -13.93
C ARG A 152 -10.49 -1.92 -12.47
N ILE A 153 -10.95 -2.76 -11.54
CA ILE A 153 -10.69 -2.55 -10.08
C ILE A 153 -9.68 -3.61 -9.65
N ILE A 154 -8.57 -3.18 -9.06
CA ILE A 154 -7.46 -4.09 -8.64
C ILE A 154 -7.18 -3.82 -7.16
N PHE A 155 -7.37 -4.85 -6.33
CA PHE A 155 -6.98 -4.87 -4.90
C PHE A 155 -5.59 -5.51 -4.81
N ILE A 156 -4.57 -4.71 -4.47
CA ILE A 156 -3.23 -5.23 -4.10
C ILE A 156 -3.30 -5.57 -2.61
N GLY A 157 -3.07 -6.83 -2.25
CA GLY A 157 -3.29 -7.30 -0.87
C GLY A 157 -2.23 -6.83 0.12
N PRO A 158 -2.39 -7.27 1.38
CA PRO A 158 -1.46 -6.88 2.45
C PRO A 158 0.00 -7.21 2.14
N VAL A 159 0.89 -6.26 2.49
CA VAL A 159 2.36 -6.49 2.44
C VAL A 159 2.80 -7.20 3.73
N PRO A 160 3.99 -7.82 3.74
CA PRO A 160 4.51 -8.42 4.98
C PRO A 160 4.64 -7.38 6.11
N GLU A 161 4.41 -7.84 7.35
CA GLU A 161 4.63 -7.00 8.54
C GLU A 161 5.59 -7.71 9.51
N TRP A 162 6.32 -6.90 10.25
CA TRP A 162 7.36 -7.32 11.20
C TRP A 162 6.92 -6.93 12.61
N ASN A 163 7.52 -7.55 13.63
CA ASN A 163 7.11 -7.40 15.05
C ASN A 163 7.68 -6.14 15.70
N ALA A 164 8.54 -5.41 15.00
CA ALA A 164 9.06 -4.07 15.37
C ALA A 164 9.45 -3.39 14.06
N ASN A 165 9.99 -2.18 14.10
CA ASN A 165 10.55 -1.58 12.86
C ASN A 165 11.51 -2.59 12.21
N LEU A 166 11.45 -2.80 10.89
CA LEU A 166 12.34 -3.80 10.24
C LEU A 166 13.83 -3.49 10.53
N VAL A 167 14.24 -2.22 10.52
CA VAL A 167 15.68 -1.88 10.75
C VAL A 167 16.10 -2.33 12.17
N LYS A 168 15.17 -2.26 13.13
CA LYS A 168 15.40 -2.68 14.53
C LYS A 168 15.44 -4.21 14.63
N ILE A 169 14.56 -4.90 13.90
CA ILE A 169 14.59 -6.39 13.84
C ILE A 169 15.97 -6.85 13.33
N ILE A 170 16.46 -6.24 12.24
CA ILE A 170 17.80 -6.60 11.66
C ILE A 170 18.90 -6.28 12.70
N SER A 171 18.86 -5.12 13.35
CA SER A 171 19.83 -4.76 14.43
CA SER A 171 19.84 -4.76 14.42
C SER A 171 19.79 -5.82 15.55
N ASN A 172 18.60 -6.26 15.93
CA ASN A 172 18.42 -7.28 16.99
C ASN A 172 19.08 -8.60 16.57
N TYR A 173 18.89 -9.03 15.32
CA TYR A 173 19.50 -10.28 14.79
C TYR A 173 21.04 -10.19 14.91
N LEU A 174 21.62 -9.06 14.46
CA LEU A 174 23.09 -8.83 14.54
C LEU A 174 23.55 -8.86 16.01
N SER A 175 22.81 -8.27 16.94
CA SER A 175 23.22 -8.25 18.37
CA SER A 175 23.17 -8.24 18.39
C SER A 175 23.17 -9.66 18.96
N GLU A 176 22.17 -10.46 18.58
CA GLU A 176 21.99 -11.83 19.14
C GLU A 176 23.05 -12.79 18.58
N PHE A 177 23.23 -12.82 17.26
CA PHE A 177 23.98 -13.89 16.55
C PHE A 177 25.36 -13.40 16.05
N LYS A 178 25.56 -12.09 15.87
CA LYS A 178 26.81 -11.50 15.31
C LYS A 178 27.05 -12.05 13.90
N LYS A 179 25.95 -12.23 13.18
CA LYS A 179 25.91 -12.66 11.76
C LYS A 179 24.85 -11.81 11.05
N THR A 180 25.09 -11.47 9.78
CA THR A 180 24.09 -10.81 8.92
C THR A 180 22.97 -11.81 8.66
N PRO A 181 21.68 -11.42 8.77
CA PRO A 181 20.59 -12.35 8.48
C PRO A 181 20.49 -12.71 7.00
N PRO A 182 19.78 -13.82 6.67
CA PRO A 182 19.52 -14.14 5.28
C PRO A 182 18.68 -13.04 4.60
N LEU A 183 18.67 -13.04 3.26
CA LEU A 183 17.88 -12.07 2.48
C LEU A 183 16.38 -12.24 2.76
N TYR A 184 15.89 -13.47 2.77
CA TYR A 184 14.49 -13.84 3.15
C TYR A 184 14.50 -14.48 4.54
N MET A 185 13.65 -14.03 5.46
CA MET A 185 13.67 -14.62 6.83
C MET A 185 12.27 -14.62 7.46
N THR A 186 12.13 -15.47 8.48
CA THR A 186 10.92 -15.55 9.36
C THR A 186 11.21 -14.96 10.76
N TYR A 187 12.48 -14.74 11.14
CA TYR A 187 12.85 -14.02 12.38
C TYR A 187 12.11 -12.69 12.43
N GLY A 188 11.30 -12.46 13.47
CA GLY A 188 10.57 -11.18 13.65
C GLY A 188 9.38 -10.97 12.71
N LEU A 189 8.97 -11.98 11.95
CA LEU A 189 7.86 -11.81 10.95
C LEU A 189 6.51 -12.06 11.62
N ASN A 190 5.53 -11.17 11.40
CA ASN A 190 4.16 -11.33 11.96
C ASN A 190 3.45 -12.49 11.25
N SER A 191 2.86 -13.42 12.01
CA SER A 191 2.25 -14.66 11.47
C SER A 191 0.85 -14.42 10.89
N GLU A 192 0.17 -13.34 11.26
CA GLU A 192 -1.26 -13.13 10.88
C GLU A 192 -1.38 -12.73 9.40
N ILE A 193 -0.39 -12.05 8.83
CA ILE A 193 -0.60 -11.44 7.48
C ILE A 193 -0.80 -12.55 6.44
N SER A 194 -0.09 -13.66 6.51
CA SER A 194 -0.26 -14.78 5.54
CA SER A 194 -0.26 -14.78 5.55
C SER A 194 -1.72 -15.26 5.56
N GLU A 195 -2.36 -15.25 6.72
CA GLU A 195 -3.78 -15.72 6.89
C GLU A 195 -4.73 -14.74 6.19
N TRP A 196 -4.52 -13.43 6.34
CA TRP A 196 -5.28 -12.41 5.58
C TRP A 196 -5.08 -12.59 4.07
N ASP A 197 -3.84 -12.76 3.62
CA ASP A 197 -3.53 -12.90 2.19
C ASP A 197 -4.24 -14.14 1.62
N SER A 198 -4.21 -15.27 2.33
CA SER A 198 -4.86 -16.52 1.86
CA SER A 198 -4.86 -16.53 1.85
CA SER A 198 -4.87 -16.54 1.88
C SER A 198 -6.39 -16.33 1.78
N TYR A 199 -6.99 -15.69 2.79
CA TYR A 199 -8.45 -15.43 2.82
C TYR A 199 -8.86 -14.58 1.61
N PHE A 200 -8.13 -13.50 1.36
CA PHE A 200 -8.42 -12.60 0.19
C PHE A 200 -8.17 -13.33 -1.14
N SER A 201 -7.11 -14.14 -1.25
CA SER A 201 -6.81 -14.89 -2.50
CA SER A 201 -6.79 -14.91 -2.49
C SER A 201 -8.00 -15.78 -2.86
N ASN A 202 -8.64 -16.37 -1.85
CA ASN A 202 -9.78 -17.31 -2.01
C ASN A 202 -11.08 -16.57 -2.33
N ASN A 203 -11.31 -15.39 -1.76
CA ASN A 203 -12.65 -14.74 -1.71
C ASN A 203 -12.75 -13.50 -2.62
N VAL A 204 -11.68 -12.76 -2.89
CA VAL A 204 -11.81 -11.47 -3.63
C VAL A 204 -12.16 -11.72 -5.10
N PRO A 205 -11.54 -12.69 -5.82
CA PRO A 205 -11.89 -12.90 -7.23
C PRO A 205 -13.38 -13.17 -7.48
N LYS A 206 -14.09 -13.77 -6.51
CA LYS A 206 -15.54 -14.08 -6.61
C LYS A 206 -16.38 -12.80 -6.55
N MET A 207 -15.79 -11.67 -6.13
CA MET A 207 -16.49 -10.38 -5.93
C MET A 207 -16.54 -9.57 -7.25
N GLY A 208 -15.94 -10.09 -8.32
CA GLY A 208 -15.95 -9.45 -9.65
C GLY A 208 -14.89 -8.37 -9.80
N ILE A 209 -13.78 -8.49 -9.08
CA ILE A 209 -12.60 -7.59 -9.25
C ILE A 209 -11.32 -8.44 -9.31
N GLU A 210 -10.18 -7.80 -9.55
CA GLU A 210 -8.86 -8.48 -9.61
C GLU A 210 -8.16 -8.41 -8.24
N TYR A 211 -7.49 -9.50 -7.86
CA TYR A 211 -6.61 -9.54 -6.66
C TYR A 211 -5.16 -9.76 -7.10
N ILE A 212 -4.23 -8.98 -6.54
CA ILE A 212 -2.76 -9.20 -6.69
C ILE A 212 -2.18 -9.44 -5.29
N SER A 213 -1.50 -10.56 -5.10
CA SER A 213 -0.86 -10.90 -3.81
C SER A 213 0.52 -10.21 -3.67
N ALA A 214 0.59 -9.09 -2.96
CA ALA A 214 1.88 -8.46 -2.61
C ALA A 214 2.69 -9.42 -1.71
N TYR A 215 2.01 -10.17 -0.85
CA TYR A 215 2.67 -11.10 0.10
C TYR A 215 3.45 -12.17 -0.69
N LYS A 216 2.81 -12.81 -1.66
CA LYS A 216 3.49 -13.86 -2.46
C LYS A 216 4.60 -13.23 -3.34
N ALA A 217 4.47 -11.98 -3.77
CA ALA A 217 5.54 -11.30 -4.55
C ALA A 217 6.79 -11.07 -3.68
N LEU A 218 6.61 -10.82 -2.38
CA LEU A 218 7.72 -10.44 -1.45
C LEU A 218 8.21 -11.62 -0.59
N CYS A 219 7.55 -12.79 -0.64
CA CYS A 219 7.83 -13.91 0.30
C CYS A 219 7.98 -15.23 -0.46
N ASN A 220 8.74 -16.16 0.11
CA ASN A 220 8.96 -17.50 -0.47
C ASN A 220 9.02 -18.52 0.69
N GLU A 221 9.51 -19.73 0.45
CA GLU A 221 9.52 -20.79 1.50
C GLU A 221 10.51 -20.44 2.63
N SER A 222 11.43 -19.49 2.42
CA SER A 222 12.45 -19.06 3.42
C SER A 222 11.92 -17.91 4.32
N GLY A 223 10.80 -17.28 3.95
CA GLY A 223 10.27 -16.12 4.68
C GLY A 223 10.05 -14.94 3.75
N CYS A 224 10.15 -13.72 4.27
CA CYS A 224 9.85 -12.49 3.48
C CYS A 224 11.12 -11.65 3.29
N LEU A 225 11.13 -10.88 2.20
CA LEU A 225 12.33 -10.14 1.73
C LEU A 225 12.66 -9.00 2.67
N THR A 226 13.87 -9.01 3.23
CA THR A 226 14.36 -7.95 4.16
C THR A 226 15.01 -6.78 3.43
N ARG A 227 15.67 -7.03 2.28
CA ARG A 227 16.54 -5.99 1.65
C ARG A 227 16.96 -6.42 0.26
N VAL A 228 17.38 -5.43 -0.53
CA VAL A 228 17.87 -5.60 -1.93
C VAL A 228 19.33 -5.16 -2.05
N GLY A 229 20.01 -4.96 -0.92
CA GLY A 229 21.43 -4.53 -0.86
C GLY A 229 21.91 -4.49 0.57
N ASN A 230 23.17 -4.09 0.79
CA ASN A 230 23.82 -4.09 2.12
C ASN A 230 23.59 -2.74 2.80
N GLY A 231 22.80 -2.71 3.86
CA GLY A 231 22.66 -1.53 4.72
C GLY A 231 21.24 -0.99 4.79
N PRO A 232 20.98 -0.06 5.75
CA PRO A 232 19.64 0.47 5.97
C PRO A 232 18.98 1.14 4.76
N ASP A 233 19.76 1.65 3.80
CA ASP A 233 19.17 2.34 2.63
C ASP A 233 18.49 1.35 1.68
N PHE A 234 18.68 0.04 1.85
CA PHE A 234 18.21 -1.00 0.90
C PHE A 234 17.18 -1.93 1.52
N ILE A 235 16.75 -1.70 2.77
CA ILE A 235 15.71 -2.57 3.40
C ILE A 235 14.34 -2.26 2.76
N THR A 236 13.35 -3.14 2.99
CA THR A 236 12.06 -3.11 2.27
C THR A 236 10.96 -2.30 2.99
N ALA A 237 11.08 -2.04 4.30
CA ALA A 237 10.03 -1.37 5.10
C ALA A 237 10.65 -0.28 5.98
N VAL A 238 9.96 0.85 6.07
CA VAL A 238 10.32 2.03 6.92
C VAL A 238 10.15 1.68 8.41
N ASP A 239 9.05 1.00 8.72
CA ASP A 239 8.62 0.67 10.10
C ASP A 239 8.26 -0.82 10.11
N TRP A 240 7.15 -1.20 10.74
CA TRP A 240 6.67 -2.61 10.73
C TRP A 240 6.20 -3.03 9.33
N GLY A 241 5.92 -2.10 8.41
CA GLY A 241 5.26 -2.52 7.14
C GLY A 241 5.19 -1.51 6.00
N HIS A 242 5.21 -0.20 6.24
CA HIS A 242 5.12 0.80 5.13
C HIS A 242 6.35 0.63 4.20
N LEU A 243 6.12 0.44 2.88
CA LEU A 243 7.25 0.13 1.95
C LEU A 243 8.20 1.33 1.78
N THR A 244 9.50 1.06 1.85
CA THR A 244 10.55 2.01 1.39
C THR A 244 10.48 2.15 -0.14
N LYS A 245 11.24 3.07 -0.71
CA LYS A 245 11.36 3.18 -2.19
C LYS A 245 11.92 1.87 -2.75
N PRO A 246 13.03 1.28 -2.21
CA PRO A 246 13.48 -0.01 -2.73
C PRO A 246 12.45 -1.15 -2.60
N GLY A 247 11.69 -1.20 -1.51
CA GLY A 247 10.62 -2.21 -1.32
C GLY A 247 9.52 -2.06 -2.36
N SER A 248 9.02 -0.83 -2.53
CA SER A 248 7.95 -0.50 -3.51
C SER A 248 8.44 -0.83 -4.94
N ASP A 249 9.67 -0.43 -5.27
CA ASP A 249 10.27 -0.72 -6.60
C ASP A 249 10.31 -2.24 -6.84
N PHE A 250 10.78 -3.03 -5.87
CA PHE A 250 10.86 -4.52 -6.02
C PHE A 250 9.45 -5.09 -6.26
N LEU A 251 8.47 -4.68 -5.46
CA LEU A 251 7.07 -5.18 -5.58
C LEU A 251 6.59 -4.95 -7.03
N PHE A 252 6.72 -3.73 -7.56
CA PHE A 252 6.17 -3.39 -8.89
C PHE A 252 7.03 -4.02 -10.01
N ASN A 253 8.32 -4.27 -9.79
CA ASN A 253 9.13 -5.08 -10.76
CA ASN A 253 9.12 -5.06 -10.78
C ASN A 253 8.44 -6.44 -10.95
N LYS A 254 7.90 -7.01 -9.87
CA LYS A 254 7.22 -8.35 -9.85
C LYS A 254 5.79 -8.27 -10.42
N ILE A 255 4.99 -7.27 -10.05
CA ILE A 255 3.51 -7.26 -10.32
C ILE A 255 3.10 -6.25 -11.40
N GLY A 256 4.00 -5.37 -11.86
CA GLY A 256 3.60 -4.31 -12.80
C GLY A 256 2.95 -4.85 -14.07
N ASN A 257 3.40 -6.02 -14.57
CA ASN A 257 2.87 -6.58 -15.85
C ASN A 257 1.49 -7.21 -15.64
N LYS A 258 0.97 -7.29 -14.40
CA LYS A 258 -0.43 -7.71 -14.12
C LYS A 258 -1.37 -6.50 -14.22
N ILE A 259 -0.83 -5.28 -14.21
CA ILE A 259 -1.59 -4.00 -14.25
C ILE A 259 -1.52 -3.44 -15.68
N ILE A 260 -0.30 -3.26 -16.19
CA ILE A 260 -0.04 -2.74 -17.57
C ILE A 260 0.33 -3.92 -18.46
N LYS A 261 -0.58 -4.34 -19.34
CA LYS A 261 -0.43 -5.55 -20.20
C LYS A 261 0.81 -5.40 -21.09
S SO4 B . -1.80 4.08 7.99
O1 SO4 B . -1.16 3.01 7.27
O2 SO4 B . -2.57 4.90 7.07
O3 SO4 B . -2.67 3.50 8.99
O4 SO4 B . -0.78 4.78 8.68
C1 PEG C . -0.62 10.98 6.76
O1 PEG C . -1.76 11.11 7.50
C2 PEG C . 0.03 9.66 6.89
O2 PEG C . 1.35 9.73 6.37
C3 PEG C . 2.04 10.91 6.76
C4 PEG C . 2.97 11.40 5.70
O4 PEG C . 2.81 12.79 5.45
H11 PEG C . 0.02 11.67 7.04
H12 PEG C . -0.83 11.14 5.81
HO1 PEG C . -2.12 11.88 7.41
H21 PEG C . -0.48 8.98 6.39
H22 PEG C . 0.05 9.38 7.83
H31 PEG C . 2.55 10.73 7.58
H32 PEG C . 1.38 11.61 6.97
H41 PEG C . 2.80 10.91 4.87
H42 PEG C . 3.89 11.22 5.98
HO4 PEG C . 1.98 12.95 5.32
C1 PEG D . 6.52 -17.44 -3.67
O1 PEG D . 5.39 -17.05 -2.90
C2 PEG D . 6.96 -16.41 -4.65
O2 PEG D . 8.29 -15.97 -4.38
C3 PEG D . 8.46 -14.56 -4.41
C4 PEG D . 9.90 -14.19 -4.29
O4 PEG D . 10.11 -12.83 -3.92
H11 PEG D . 6.29 -18.27 -4.15
H12 PEG D . 7.27 -17.65 -3.06
HO1 PEG D . 5.15 -17.67 -2.36
H21 PEG D . 6.34 -15.64 -4.60
H22 PEG D . 6.91 -16.78 -5.56
H31 PEG D . 7.95 -14.17 -3.67
H32 PEG D . 8.10 -14.20 -5.25
H41 PEG D . 10.34 -14.36 -5.14
H42 PEG D . 10.32 -14.78 -3.61
HO4 PEG D . 9.38 -12.40 -4.02
#